data_253D
# 
_entry.id   253D 
# 
_audit_conform.dict_name       mmcif_pdbx.dic 
_audit_conform.dict_version    5.387 
_audit_conform.dict_location   http://mmcif.pdb.org/dictionaries/ascii/mmcif_pdbx.dic 
# 
loop_
_database_2.database_id 
_database_2.database_code 
_database_2.pdbx_database_accession 
_database_2.pdbx_DOI 
PDB   253D         pdb_0000253d 10.2210/pdb253d/pdb 
RCSB  UDI047       ?            ?                   
WWPDB D_1000177658 ?            ?                   
# 
loop_
_pdbx_audit_revision_history.ordinal 
_pdbx_audit_revision_history.data_content_type 
_pdbx_audit_revision_history.major_revision 
_pdbx_audit_revision_history.minor_revision 
_pdbx_audit_revision_history.revision_date 
1 'Structure model' 1 0 1996-04-15 
2 'Structure model' 1 1 2008-05-22 
3 'Structure model' 1 2 2011-07-13 
4 'Structure model' 1 3 2024-02-14 
# 
_pdbx_audit_revision_details.ordinal             1 
_pdbx_audit_revision_details.revision_ordinal    1 
_pdbx_audit_revision_details.data_content_type   'Structure model' 
_pdbx_audit_revision_details.provider            repository 
_pdbx_audit_revision_details.type                'Initial release' 
_pdbx_audit_revision_details.description         ? 
_pdbx_audit_revision_details.details             ? 
# 
loop_
_pdbx_audit_revision_group.ordinal 
_pdbx_audit_revision_group.revision_ordinal 
_pdbx_audit_revision_group.data_content_type 
_pdbx_audit_revision_group.group 
1 2 'Structure model' 'Version format compliance' 
2 3 'Structure model' 'Version format compliance' 
3 4 'Structure model' 'Data collection'           
4 4 'Structure model' 'Database references'       
5 4 'Structure model' 'Derived calculations'      
# 
loop_
_pdbx_audit_revision_category.ordinal 
_pdbx_audit_revision_category.revision_ordinal 
_pdbx_audit_revision_category.data_content_type 
_pdbx_audit_revision_category.category 
1 4 'Structure model' chem_comp_atom         
2 4 'Structure model' chem_comp_bond         
3 4 'Structure model' database_2             
4 4 'Structure model' pdbx_struct_conn_angle 
5 4 'Structure model' struct_conn            
6 4 'Structure model' struct_site            
# 
loop_
_pdbx_audit_revision_item.ordinal 
_pdbx_audit_revision_item.revision_ordinal 
_pdbx_audit_revision_item.data_content_type 
_pdbx_audit_revision_item.item 
1  4 'Structure model' '_database_2.pdbx_DOI'                        
2  4 'Structure model' '_database_2.pdbx_database_accession'         
3  4 'Structure model' '_pdbx_struct_conn_angle.ptnr1_auth_comp_id'  
4  4 'Structure model' '_pdbx_struct_conn_angle.ptnr1_auth_seq_id'   
5  4 'Structure model' '_pdbx_struct_conn_angle.ptnr1_label_asym_id' 
6  4 'Structure model' '_pdbx_struct_conn_angle.ptnr1_label_atom_id' 
7  4 'Structure model' '_pdbx_struct_conn_angle.ptnr1_label_comp_id' 
8  4 'Structure model' '_pdbx_struct_conn_angle.ptnr1_label_seq_id'  
9  4 'Structure model' '_pdbx_struct_conn_angle.ptnr3_auth_comp_id'  
10 4 'Structure model' '_pdbx_struct_conn_angle.ptnr3_auth_seq_id'   
11 4 'Structure model' '_pdbx_struct_conn_angle.ptnr3_label_asym_id' 
12 4 'Structure model' '_pdbx_struct_conn_angle.ptnr3_label_atom_id' 
13 4 'Structure model' '_pdbx_struct_conn_angle.ptnr3_label_comp_id' 
14 4 'Structure model' '_pdbx_struct_conn_angle.ptnr3_label_seq_id'  
15 4 'Structure model' '_pdbx_struct_conn_angle.value'               
16 4 'Structure model' '_struct_conn.pdbx_dist_value'                
17 4 'Structure model' '_struct_conn.ptnr1_auth_comp_id'             
18 4 'Structure model' '_struct_conn.ptnr1_auth_seq_id'              
19 4 'Structure model' '_struct_conn.ptnr1_label_asym_id'            
20 4 'Structure model' '_struct_conn.ptnr1_label_atom_id'            
21 4 'Structure model' '_struct_conn.ptnr1_label_comp_id'            
22 4 'Structure model' '_struct_conn.ptnr1_label_seq_id'             
23 4 'Structure model' '_struct_conn.ptnr2_auth_comp_id'             
24 4 'Structure model' '_struct_conn.ptnr2_auth_seq_id'              
25 4 'Structure model' '_struct_conn.ptnr2_label_asym_id'            
26 4 'Structure model' '_struct_conn.ptnr2_label_atom_id'            
27 4 'Structure model' '_struct_conn.ptnr2_label_comp_id'            
28 4 'Structure model' '_struct_site.pdbx_auth_asym_id'              
29 4 'Structure model' '_struct_site.pdbx_auth_comp_id'              
30 4 'Structure model' '_struct_site.pdbx_auth_seq_id'               
# 
_pdbx_database_status.status_code                     REL 
_pdbx_database_status.entry_id                        253D 
_pdbx_database_status.recvd_initial_deposition_date   1996-03-20 
_pdbx_database_status.deposit_site                    NDB 
_pdbx_database_status.process_site                    NDB 
_pdbx_database_status.SG_entry                        . 
_pdbx_database_status.pdb_format_compatible           Y 
_pdbx_database_status.status_code_mr                  ? 
_pdbx_database_status.status_code_sf                  ? 
_pdbx_database_status.status_code_cs                  ? 
_pdbx_database_status.status_code_nmr_data            ? 
_pdbx_database_status.methods_development_category    ? 
# 
loop_
_audit_author.name 
_audit_author.pdbx_ordinal 
'Mooers, B.H.M.' 1 
'Ho, P.S.'       2 
# 
_citation.id                        primary 
_citation.title                     
'Crystal Structure of the B-DNA Nonamer d(GCGTACGCG) with a Novel d[G*(G.C)] Base-triplet Involving the Minor Groove' 
_citation.journal_abbrev            'To be Published' 
_citation.journal_volume            ? 
_citation.page_first                ? 
_citation.page_last                 ? 
_citation.year                      1996 
_citation.journal_id_ASTM           ? 
_citation.country                   ? 
_citation.journal_id_ISSN           ? 
_citation.journal_id_CSD            0353 
_citation.book_publisher            ? 
_citation.pdbx_database_id_PubMed   ? 
_citation.pdbx_database_id_DOI      ? 
# 
loop_
_citation_author.citation_id 
_citation_author.name 
_citation_author.ordinal 
_citation_author.identifier_ORCID 
primary 'Mooers, B.H.M.' 1 ? 
primary 'Ho, P.S.'       2 ? 
# 
loop_
_entity.id 
_entity.type 
_entity.src_method 
_entity.pdbx_description 
_entity.formula_weight 
_entity.pdbx_number_of_molecules 
_entity.pdbx_ec 
_entity.pdbx_mutation 
_entity.pdbx_fragment 
_entity.details 
1 polymer     syn 
;DNA (5'-D(*GP*CP*GP*TP*AP*CP*GP*CP*G)-3')
;
2756.811 1  ? ? ? ? 
2 non-polymer syn 'MAGNESIUM ION'                             24.305   1  ? ? ? ? 
3 water       nat water                                       18.015   29 ? ? ? ? 
# 
_entity_poly.entity_id                      1 
_entity_poly.type                           polydeoxyribonucleotide 
_entity_poly.nstd_linkage                   no 
_entity_poly.nstd_monomer                   no 
_entity_poly.pdbx_seq_one_letter_code       '(DG)(DC)(DG)(DT)(DA)(DC)(DG)(DC)(DG)' 
_entity_poly.pdbx_seq_one_letter_code_can   GCGTACGCG 
_entity_poly.pdbx_strand_id                 A 
_entity_poly.pdbx_target_identifier         ? 
# 
loop_
_pdbx_entity_nonpoly.entity_id 
_pdbx_entity_nonpoly.name 
_pdbx_entity_nonpoly.comp_id 
2 'MAGNESIUM ION' MG  
3 water           HOH 
# 
loop_
_entity_poly_seq.entity_id 
_entity_poly_seq.num 
_entity_poly_seq.mon_id 
_entity_poly_seq.hetero 
1 1 DG n 
1 2 DC n 
1 3 DG n 
1 4 DT n 
1 5 DA n 
1 6 DC n 
1 7 DG n 
1 8 DC n 
1 9 DG n 
# 
loop_
_chem_comp.id 
_chem_comp.type 
_chem_comp.mon_nstd_flag 
_chem_comp.name 
_chem_comp.pdbx_synonyms 
_chem_comp.formula 
_chem_comp.formula_weight 
DA  'DNA linking' y "2'-DEOXYADENOSINE-5'-MONOPHOSPHATE" ? 'C10 H14 N5 O6 P' 331.222 
DC  'DNA linking' y "2'-DEOXYCYTIDINE-5'-MONOPHOSPHATE"  ? 'C9 H14 N3 O7 P'  307.197 
DG  'DNA linking' y "2'-DEOXYGUANOSINE-5'-MONOPHOSPHATE" ? 'C10 H14 N5 O7 P' 347.221 
DT  'DNA linking' y "THYMIDINE-5'-MONOPHOSPHATE"         ? 'C10 H15 N2 O8 P' 322.208 
HOH non-polymer   . WATER                                ? 'H2 O'            18.015  
MG  non-polymer   . 'MAGNESIUM ION'                      ? 'Mg 2'            24.305  
# 
loop_
_pdbx_poly_seq_scheme.asym_id 
_pdbx_poly_seq_scheme.entity_id 
_pdbx_poly_seq_scheme.seq_id 
_pdbx_poly_seq_scheme.mon_id 
_pdbx_poly_seq_scheme.ndb_seq_num 
_pdbx_poly_seq_scheme.pdb_seq_num 
_pdbx_poly_seq_scheme.auth_seq_num 
_pdbx_poly_seq_scheme.pdb_mon_id 
_pdbx_poly_seq_scheme.auth_mon_id 
_pdbx_poly_seq_scheme.pdb_strand_id 
_pdbx_poly_seq_scheme.pdb_ins_code 
_pdbx_poly_seq_scheme.hetero 
A 1 1 DG 1 1 1 DG G A . n 
A 1 2 DC 2 2 2 DC C A . n 
A 1 3 DG 3 3 3 DG G A . n 
A 1 4 DT 4 4 4 DT T A . n 
A 1 5 DA 5 5 5 DA A A . n 
A 1 6 DC 6 6 6 DC C A . n 
A 1 7 DG 7 7 7 DG G A . n 
A 1 8 DC 8 8 8 DC C A . n 
A 1 9 DG 9 9 9 DG G A . n 
# 
loop_
_pdbx_nonpoly_scheme.asym_id 
_pdbx_nonpoly_scheme.entity_id 
_pdbx_nonpoly_scheme.mon_id 
_pdbx_nonpoly_scheme.ndb_seq_num 
_pdbx_nonpoly_scheme.pdb_seq_num 
_pdbx_nonpoly_scheme.auth_seq_num 
_pdbx_nonpoly_scheme.pdb_mon_id 
_pdbx_nonpoly_scheme.auth_mon_id 
_pdbx_nonpoly_scheme.pdb_strand_id 
_pdbx_nonpoly_scheme.pdb_ins_code 
B 2 MG  1  10 10 MG  MO4 A . 
C 3 HOH 1  11 11 HOH HOH A . 
C 3 HOH 2  12 12 HOH HOH A . 
C 3 HOH 3  13 13 HOH HOH A . 
C 3 HOH 4  14 14 HOH HOH A . 
C 3 HOH 5  15 15 HOH HOH A . 
C 3 HOH 6  16 16 HOH HOH A . 
C 3 HOH 7  17 17 HOH HOH A . 
C 3 HOH 8  18 18 HOH HOH A . 
C 3 HOH 9  19 19 HOH HOH A . 
C 3 HOH 10 20 20 HOH HOH A . 
C 3 HOH 11 21 21 HOH HOH A . 
C 3 HOH 12 22 22 HOH HOH A . 
C 3 HOH 13 23 23 HOH HOH A . 
C 3 HOH 14 24 24 HOH HOH A . 
C 3 HOH 15 25 25 HOH HOH A . 
C 3 HOH 16 26 26 HOH HOH A . 
C 3 HOH 17 27 27 HOH HOH A . 
C 3 HOH 18 28 28 HOH HOH A . 
C 3 HOH 19 29 29 HOH HOH A . 
C 3 HOH 20 30 30 HOH HOH A . 
C 3 HOH 21 31 31 HOH HOH A . 
C 3 HOH 22 32 32 HOH HOH A . 
C 3 HOH 23 33 33 HOH HOH A . 
C 3 HOH 24 34 34 HOH HOH A . 
C 3 HOH 25 35 35 HOH HOH A . 
C 3 HOH 26 36 36 HOH HOH A . 
C 3 HOH 27 37 37 HOH HOH A . 
C 3 HOH 28 38 10 HOH MO4 A . 
C 3 HOH 29 39 10 HOH MO4 A . 
# 
loop_
_software.name 
_software.classification 
_software.version 
_software.citation_id 
_software.pdbx_ordinal 
X-PLOR refinement       . ? 1 
XSCANS 'data reduction' . ? 2 
# 
_cell.entry_id           253D 
_cell.length_a           38.915 
_cell.length_b           38.915 
_cell.length_c           33.026 
_cell.angle_alpha        90.00 
_cell.angle_beta         90.00 
_cell.angle_gamma        90.00 
_cell.Z_PDB              8 
_cell.pdbx_unique_axis   ? 
# 
_symmetry.entry_id                         253D 
_symmetry.space_group_name_H-M             'P 42 21 2' 
_symmetry.pdbx_full_space_group_name_H-M   ? 
_symmetry.cell_setting                     ? 
_symmetry.Int_Tables_number                94 
# 
_exptl.entry_id          253D 
_exptl.method            'X-RAY DIFFRACTION' 
_exptl.crystals_number   ? 
# 
_exptl_crystal.id                    1 
_exptl_crystal.density_meas          ? 
_exptl_crystal.density_Matthews      2.27 
_exptl_crystal.density_percent_sol   45.76 
_exptl_crystal.description           ? 
# 
_exptl_crystal_grow.crystal_id      1 
_exptl_crystal_grow.method          'VAPOR DIFFUSION, HANGING DROP' 
_exptl_crystal_grow.temp            ? 
_exptl_crystal_grow.temp_details    'ROOM TEMPERATURE' 
_exptl_crystal_grow.pH              6.00 
_exptl_crystal_grow.pdbx_details    'pH 6.00, VAPOR DIFFUSION, HANGING DROP' 
_exptl_crystal_grow.pdbx_pH_range   ? 
# 
loop_
_exptl_crystal_grow_comp.crystal_id 
_exptl_crystal_grow_comp.id 
_exptl_crystal_grow_comp.sol_id 
_exptl_crystal_grow_comp.name 
_exptl_crystal_grow_comp.volume 
_exptl_crystal_grow_comp.conc 
_exptl_crystal_grow_comp.details 
1 1 1 WATER           ? ? ? 
1 2 1 MPD             ? ? ? 
1 3 1 'NA CACODYLATE' ? ? ? 
1 4 1 MGCL2           ? ? ? 
1 5 1 SPERMINE        ? ? ? 
1 6 2 WATER           ? ? ? 
1 7 2 MPD             ? ? ? 
# 
_diffrn.id                     1 
_diffrn.crystal_id             1 
_diffrn.ambient_temp           ? 
_diffrn.ambient_temp_details   ? 
# 
_diffrn_detector.diffrn_id              1 
_diffrn_detector.detector               DIFFRACTOMETER 
_diffrn_detector.type                   'SIEMENS P4' 
_diffrn_detector.pdbx_collection_date   1995-08-20 
_diffrn_detector.details                ? 
# 
_diffrn_radiation.diffrn_id                        1 
_diffrn_radiation.wavelength_id                    1 
_diffrn_radiation.pdbx_monochromatic_or_laue_m_l   M 
_diffrn_radiation.monochromator                    ? 
_diffrn_radiation.pdbx_diffrn_protocol             ? 
_diffrn_radiation.pdbx_scattering_type             x-ray 
# 
_diffrn_radiation_wavelength.id           1 
_diffrn_radiation_wavelength.wavelength   . 
_diffrn_radiation_wavelength.wt           1.0 
# 
_diffrn_source.diffrn_id                   1 
_diffrn_source.source                      'SEALED TUBE' 
_diffrn_source.type                        ? 
_diffrn_source.pdbx_synchrotron_site       ? 
_diffrn_source.pdbx_synchrotron_beamline   ? 
_diffrn_source.pdbx_wavelength             ? 
_diffrn_source.pdbx_wavelength_list        ? 
# 
_reflns.entry_id                     253D 
_reflns.observed_criterion_sigma_I   ? 
_reflns.observed_criterion_sigma_F   ? 
_reflns.d_resolution_low             32.000 
_reflns.d_resolution_high            2.200 
_reflns.number_obs                   1126 
_reflns.number_all                   1958 
_reflns.percent_possible_obs         76.430 
_reflns.pdbx_Rmerge_I_obs            0.0420000 
_reflns.pdbx_Rsym_value              ? 
_reflns.pdbx_netI_over_sigmaI        ? 
_reflns.B_iso_Wilson_estimate        ? 
_reflns.pdbx_redundancy              ? 
_reflns.pdbx_diffrn_id               1 
_reflns.pdbx_ordinal                 1 
# 
_refine.entry_id                                 253D 
_refine.ls_number_reflns_obs                     920 
_refine.ls_number_reflns_all                     ? 
_refine.pdbx_ls_sigma_I                          ? 
_refine.pdbx_ls_sigma_F                          1.000 
_refine.pdbx_data_cutoff_high_absF               ? 
_refine.pdbx_data_cutoff_low_absF                ? 
_refine.pdbx_data_cutoff_high_rms_absF           ? 
_refine.ls_d_res_low                             8.000 
_refine.ls_d_res_high                            2.200 
_refine.ls_percent_reflns_obs                    ? 
_refine.ls_R_factor_obs                          0.1931000 
_refine.ls_R_factor_all                          ? 
_refine.ls_R_factor_R_work                       0.1931000 
_refine.ls_R_factor_R_free                       0.2137000 
_refine.ls_R_factor_R_free_error                 ? 
_refine.ls_R_factor_R_free_error_details         ? 
_refine.ls_percent_reflns_R_free                 ? 
_refine.ls_number_reflns_R_free                  ? 
_refine.ls_number_parameters                     ? 
_refine.ls_number_restraints                     ? 
_refine.occupancy_min                            ? 
_refine.occupancy_max                            ? 
_refine.B_iso_mean                               ? 
_refine.aniso_B[1][1]                            ? 
_refine.aniso_B[2][2]                            ? 
_refine.aniso_B[3][3]                            ? 
_refine.aniso_B[1][2]                            ? 
_refine.aniso_B[1][3]                            ? 
_refine.aniso_B[2][3]                            ? 
_refine.solvent_model_details                    ? 
_refine.solvent_model_param_ksol                 ? 
_refine.solvent_model_param_bsol                 ? 
_refine.pdbx_ls_cross_valid_method               ? 
_refine.details                                  ? 
_refine.pdbx_starting_model                      ? 
_refine.pdbx_method_to_determine_struct          ? 
_refine.pdbx_isotropic_thermal_model             ? 
_refine.pdbx_stereochemistry_target_values       ? 
_refine.pdbx_stereochem_target_val_spec_case     ? 
_refine.pdbx_R_Free_selection_details            ? 
_refine.pdbx_overall_ESU_R                       ? 
_refine.pdbx_overall_ESU_R_Free                  ? 
_refine.overall_SU_ML                            ? 
_refine.overall_SU_B                             ? 
_refine.pdbx_refine_id                           'X-RAY DIFFRACTION' 
_refine.pdbx_diffrn_id                           1 
_refine.pdbx_TLS_residual_ADP_flag               ? 
_refine.correlation_coeff_Fo_to_Fc               ? 
_refine.correlation_coeff_Fo_to_Fc_free          ? 
_refine.pdbx_solvent_vdw_probe_radii             ? 
_refine.pdbx_solvent_ion_probe_radii             ? 
_refine.pdbx_solvent_shrinkage_radii             ? 
_refine.pdbx_overall_phase_error                 ? 
_refine.overall_SU_R_Cruickshank_DPI             ? 
_refine.pdbx_overall_SU_R_free_Cruickshank_DPI   ? 
_refine.pdbx_overall_SU_R_Blow_DPI               ? 
_refine.pdbx_overall_SU_R_free_Blow_DPI          ? 
# 
_refine_analyze.entry_id                        253D 
_refine_analyze.Luzzati_coordinate_error_obs    0.27 
_refine_analyze.Luzzati_sigma_a_obs             ? 
_refine_analyze.Luzzati_d_res_low_obs           ? 
_refine_analyze.Luzzati_coordinate_error_free   ? 
_refine_analyze.Luzzati_sigma_a_free            ? 
_refine_analyze.Luzzati_d_res_low_free          ? 
_refine_analyze.number_disordered_residues      ? 
_refine_analyze.occupancy_sum_hydrogen          ? 
_refine_analyze.occupancy_sum_non_hydrogen      ? 
_refine_analyze.pdbx_refine_id                  'X-RAY DIFFRACTION' 
# 
_refine_hist.pdbx_refine_id                   'X-RAY DIFFRACTION' 
_refine_hist.cycle_id                         LAST 
_refine_hist.pdbx_number_atoms_protein        0 
_refine_hist.pdbx_number_atoms_nucleic_acid   183 
_refine_hist.pdbx_number_atoms_ligand         3 
_refine_hist.number_atoms_solvent             27 
_refine_hist.number_atoms_total               213 
_refine_hist.d_res_high                       2.200 
_refine_hist.d_res_low                        8.000 
# 
loop_
_refine_ls_restr.type 
_refine_ls_restr.dev_ideal 
_refine_ls_restr.dev_ideal_target 
_refine_ls_restr.weight 
_refine_ls_restr.number 
_refine_ls_restr.pdbx_refine_id 
_refine_ls_restr.pdbx_restraint_function 
x_bond_d                0.012 ? ? ? 'X-RAY DIFFRACTION' ? 
x_bond_d_na             ?     ? ? ? 'X-RAY DIFFRACTION' ? 
x_bond_d_prot           ?     ? ? ? 'X-RAY DIFFRACTION' ? 
x_angle_d               ?     ? ? ? 'X-RAY DIFFRACTION' ? 
x_angle_d_na            ?     ? ? ? 'X-RAY DIFFRACTION' ? 
x_angle_d_prot          ?     ? ? ? 'X-RAY DIFFRACTION' ? 
x_angle_deg             1.62  ? ? ? 'X-RAY DIFFRACTION' ? 
x_angle_deg_na          ?     ? ? ? 'X-RAY DIFFRACTION' ? 
x_angle_deg_prot        ?     ? ? ? 'X-RAY DIFFRACTION' ? 
x_dihedral_angle_d      ?     ? ? ? 'X-RAY DIFFRACTION' ? 
x_dihedral_angle_d_na   ?     ? ? ? 'X-RAY DIFFRACTION' ? 
x_dihedral_angle_d_prot ?     ? ? ? 'X-RAY DIFFRACTION' ? 
x_improper_angle_d      ?     ? ? ? 'X-RAY DIFFRACTION' ? 
x_improper_angle_d_na   ?     ? ? ? 'X-RAY DIFFRACTION' ? 
x_improper_angle_d_prot ?     ? ? ? 'X-RAY DIFFRACTION' ? 
x_mcbond_it             ?     ? ? ? 'X-RAY DIFFRACTION' ? 
x_mcangle_it            ?     ? ? ? 'X-RAY DIFFRACTION' ? 
x_scbond_it             ?     ? ? ? 'X-RAY DIFFRACTION' ? 
x_scangle_it            ?     ? ? ? 'X-RAY DIFFRACTION' ? 
# 
_struct.entry_id                  253D 
_struct.title                     
'CRYSTAL STRUCTURE OF THE B-DNA NONAMER D(GCGTACGCG) WITH A NOVEL D[G*(G.C)] BASE-TRIPLET INVOLVING THE MINOR GROOVE' 
_struct.pdbx_model_details        ? 
_struct.pdbx_CASP_flag            ? 
_struct.pdbx_model_type_details   ? 
# 
_struct_keywords.entry_id        253D 
_struct_keywords.pdbx_keywords   DNA 
_struct_keywords.text            'B-DNA, DOUBLE HELIX, BASE TRIPLET, DNA' 
# 
loop_
_struct_asym.id 
_struct_asym.pdbx_blank_PDB_chainid_flag 
_struct_asym.pdbx_modified 
_struct_asym.entity_id 
_struct_asym.details 
A N N 1 ? 
B N N 2 ? 
C N N 3 ? 
# 
_struct_ref.id                         1 
_struct_ref.entity_id                  1 
_struct_ref.db_name                    PDB 
_struct_ref.db_code                    253D 
_struct_ref.pdbx_db_accession          253D 
_struct_ref.pdbx_db_isoform            ? 
_struct_ref.pdbx_seq_one_letter_code   ? 
_struct_ref.pdbx_align_begin           ? 
# 
_struct_ref_seq.align_id                      1 
_struct_ref_seq.ref_id                        1 
_struct_ref_seq.pdbx_PDB_id_code              253D 
_struct_ref_seq.pdbx_strand_id                A 
_struct_ref_seq.seq_align_beg                 1 
_struct_ref_seq.pdbx_seq_align_beg_ins_code   ? 
_struct_ref_seq.seq_align_end                 9 
_struct_ref_seq.pdbx_seq_align_end_ins_code   ? 
_struct_ref_seq.pdbx_db_accession             253D 
_struct_ref_seq.db_align_beg                  1 
_struct_ref_seq.pdbx_db_align_beg_ins_code    ? 
_struct_ref_seq.db_align_end                  9 
_struct_ref_seq.pdbx_db_align_end_ins_code    ? 
_struct_ref_seq.pdbx_auth_seq_align_beg       1 
_struct_ref_seq.pdbx_auth_seq_align_end       9 
# 
_pdbx_struct_assembly.id                   1 
_pdbx_struct_assembly.details              author_defined_assembly 
_pdbx_struct_assembly.method_details       ? 
_pdbx_struct_assembly.oligomeric_details   dimeric 
_pdbx_struct_assembly.oligomeric_count     2 
# 
_pdbx_struct_assembly_gen.assembly_id       1 
_pdbx_struct_assembly_gen.oper_expression   1,2 
_pdbx_struct_assembly_gen.asym_id_list      A,B,C 
# 
loop_
_pdbx_struct_oper_list.id 
_pdbx_struct_oper_list.type 
_pdbx_struct_oper_list.name 
_pdbx_struct_oper_list.symmetry_operation 
_pdbx_struct_oper_list.matrix[1][1] 
_pdbx_struct_oper_list.matrix[1][2] 
_pdbx_struct_oper_list.matrix[1][3] 
_pdbx_struct_oper_list.vector[1] 
_pdbx_struct_oper_list.matrix[2][1] 
_pdbx_struct_oper_list.matrix[2][2] 
_pdbx_struct_oper_list.matrix[2][3] 
_pdbx_struct_oper_list.vector[2] 
_pdbx_struct_oper_list.matrix[3][1] 
_pdbx_struct_oper_list.matrix[3][2] 
_pdbx_struct_oper_list.matrix[3][3] 
_pdbx_struct_oper_list.vector[3] 
1 'identity operation'         1_555 x,y,z  1.0000000000  0.0000000000  0.0000000000 0.0000000000  0.0000000000  1.0000000000 0.0000000000  0.0000000000  0.0000000000 0.0000000000  1.0000000000  0.0000000000  
2 'crystal symmetry operation' 7_555 y,x,-z -0.8371077032 -0.4681854008 0.2829366073 -2.6503775926 -0.4681854008 0.3456595175 -0.8132170242 -1.3458152486 0.2829366073 -0.8132170242 -0.5085518143 -0.7010932945 
# 
_struct_biol.id   1 
# 
loop_
_struct_conn.id 
_struct_conn.conn_type_id 
_struct_conn.pdbx_leaving_atom_flag 
_struct_conn.pdbx_PDB_id 
_struct_conn.ptnr1_label_asym_id 
_struct_conn.ptnr1_label_comp_id 
_struct_conn.ptnr1_label_seq_id 
_struct_conn.ptnr1_label_atom_id 
_struct_conn.pdbx_ptnr1_label_alt_id 
_struct_conn.pdbx_ptnr1_PDB_ins_code 
_struct_conn.pdbx_ptnr1_standard_comp_id 
_struct_conn.ptnr1_symmetry 
_struct_conn.ptnr2_label_asym_id 
_struct_conn.ptnr2_label_comp_id 
_struct_conn.ptnr2_label_seq_id 
_struct_conn.ptnr2_label_atom_id 
_struct_conn.pdbx_ptnr2_label_alt_id 
_struct_conn.pdbx_ptnr2_PDB_ins_code 
_struct_conn.ptnr1_auth_asym_id 
_struct_conn.ptnr1_auth_comp_id 
_struct_conn.ptnr1_auth_seq_id 
_struct_conn.ptnr2_auth_asym_id 
_struct_conn.ptnr2_auth_comp_id 
_struct_conn.ptnr2_auth_seq_id 
_struct_conn.ptnr2_symmetry 
_struct_conn.pdbx_ptnr3_label_atom_id 
_struct_conn.pdbx_ptnr3_label_seq_id 
_struct_conn.pdbx_ptnr3_label_comp_id 
_struct_conn.pdbx_ptnr3_label_asym_id 
_struct_conn.pdbx_ptnr3_label_alt_id 
_struct_conn.pdbx_ptnr3_PDB_ins_code 
_struct_conn.details 
_struct_conn.pdbx_dist_value 
_struct_conn.pdbx_value_order 
_struct_conn.pdbx_role 
metalc1  metalc ? ? A DG 9 OP1 ? ? ? 1_555 B MG  . MG ? ? A DG 9  A MG  10 1_555 ? ? ? ? ? ? ?            2.326 ? ? 
metalc2  metalc ? ? B MG . MG  ? ? ? 1_555 C HOH . O  ? ? A MG 10 A HOH 38 1_555 ? ? ? ? ? ? ?            2.147 ? ? 
metalc3  metalc ? ? B MG . MG  ? ? ? 1_555 C HOH . O  ? ? A MG 10 A HOH 39 1_555 ? ? ? ? ? ? ?            2.177 ? ? 
hydrog1  hydrog ? ? A DG 1 N1  ? ? ? 1_555 A DC  8 N3 ? ? A DG 1  A DC  8  7_555 ? ? ? ? ? ? WATSON-CRICK ?     ? ? 
hydrog2  hydrog ? ? A DG 1 N2  ? ? ? 1_555 A DC  8 O2 ? ? A DG 1  A DC  8  7_555 ? ? ? ? ? ? WATSON-CRICK ?     ? ? 
hydrog3  hydrog ? ? A DG 1 O6  ? ? ? 1_555 A DC  8 N4 ? ? A DG 1  A DC  8  7_555 ? ? ? ? ? ? WATSON-CRICK ?     ? ? 
hydrog4  hydrog ? ? A DC 2 N3  ? ? ? 1_555 A DG  7 N1 ? ? A DC 2  A DG  7  7_555 ? ? ? ? ? ? WATSON-CRICK ?     ? ? 
hydrog5  hydrog ? ? A DC 2 N4  ? ? ? 1_555 A DG  7 O6 ? ? A DC 2  A DG  7  7_555 ? ? ? ? ? ? WATSON-CRICK ?     ? ? 
hydrog6  hydrog ? ? A DC 2 O2  ? ? ? 1_555 A DG  7 N2 ? ? A DC 2  A DG  7  7_555 ? ? ? ? ? ? WATSON-CRICK ?     ? ? 
hydrog7  hydrog ? ? A DG 3 N1  ? ? ? 1_555 A DC  6 N3 ? ? A DG 3  A DC  6  7_555 ? ? ? ? ? ? WATSON-CRICK ?     ? ? 
hydrog8  hydrog ? ? A DG 3 N2  ? ? ? 1_555 A DC  6 O2 ? ? A DG 3  A DC  6  7_555 ? ? ? ? ? ? WATSON-CRICK ?     ? ? 
hydrog9  hydrog ? ? A DG 3 O6  ? ? ? 1_555 A DC  6 N4 ? ? A DG 3  A DC  6  7_555 ? ? ? ? ? ? WATSON-CRICK ?     ? ? 
hydrog10 hydrog ? ? A DT 4 N3  ? ? ? 1_555 A DA  5 N1 ? ? A DT 4  A DA  5  7_555 ? ? ? ? ? ? WATSON-CRICK ?     ? ? 
hydrog11 hydrog ? ? A DT 4 O4  ? ? ? 1_555 A DA  5 N6 ? ? A DT 4  A DA  5  7_555 ? ? ? ? ? ? WATSON-CRICK ?     ? ? 
hydrog12 hydrog ? ? A DA 5 N1  ? ? ? 1_555 A DT  4 N3 ? ? A DA 5  A DT  4  7_555 ? ? ? ? ? ? WATSON-CRICK ?     ? ? 
hydrog13 hydrog ? ? A DA 5 N6  ? ? ? 1_555 A DT  4 O4 ? ? A DA 5  A DT  4  7_555 ? ? ? ? ? ? WATSON-CRICK ?     ? ? 
hydrog14 hydrog ? ? A DC 6 N3  ? ? ? 1_555 A DG  3 N1 ? ? A DC 6  A DG  3  7_555 ? ? ? ? ? ? WATSON-CRICK ?     ? ? 
hydrog15 hydrog ? ? A DC 6 N4  ? ? ? 1_555 A DG  3 O6 ? ? A DC 6  A DG  3  7_555 ? ? ? ? ? ? WATSON-CRICK ?     ? ? 
hydrog16 hydrog ? ? A DC 6 O2  ? ? ? 1_555 A DG  3 N2 ? ? A DC 6  A DG  3  7_555 ? ? ? ? ? ? WATSON-CRICK ?     ? ? 
hydrog17 hydrog ? ? A DG 7 N1  ? ? ? 1_555 A DC  2 N3 ? ? A DG 7  A DC  2  7_555 ? ? ? ? ? ? WATSON-CRICK ?     ? ? 
hydrog18 hydrog ? ? A DG 7 N2  ? ? ? 1_555 A DC  2 O2 ? ? A DG 7  A DC  2  7_555 ? ? ? ? ? ? WATSON-CRICK ?     ? ? 
hydrog19 hydrog ? ? A DG 7 O6  ? ? ? 1_555 A DC  2 N4 ? ? A DG 7  A DC  2  7_555 ? ? ? ? ? ? WATSON-CRICK ?     ? ? 
hydrog20 hydrog ? ? A DC 8 N3  ? ? ? 1_555 A DG  1 N1 ? ? A DC 8  A DG  1  7_555 ? ? ? ? ? ? WATSON-CRICK ?     ? ? 
hydrog21 hydrog ? ? A DC 8 N4  ? ? ? 1_555 A DG  1 O6 ? ? A DC 8  A DG  1  7_555 ? ? ? ? ? ? WATSON-CRICK ?     ? ? 
hydrog22 hydrog ? ? A DC 8 O2  ? ? ? 1_555 A DG  1 N2 ? ? A DC 8  A DG  1  7_555 ? ? ? ? ? ? WATSON-CRICK ?     ? ? 
# 
loop_
_struct_conn_type.id 
_struct_conn_type.criteria 
_struct_conn_type.reference 
metalc ? ? 
hydrog ? ? 
# 
loop_
_pdbx_struct_conn_angle.id 
_pdbx_struct_conn_angle.ptnr1_label_atom_id 
_pdbx_struct_conn_angle.ptnr1_label_alt_id 
_pdbx_struct_conn_angle.ptnr1_label_asym_id 
_pdbx_struct_conn_angle.ptnr1_label_comp_id 
_pdbx_struct_conn_angle.ptnr1_label_seq_id 
_pdbx_struct_conn_angle.ptnr1_auth_atom_id 
_pdbx_struct_conn_angle.ptnr1_auth_asym_id 
_pdbx_struct_conn_angle.ptnr1_auth_comp_id 
_pdbx_struct_conn_angle.ptnr1_auth_seq_id 
_pdbx_struct_conn_angle.ptnr1_PDB_ins_code 
_pdbx_struct_conn_angle.ptnr1_symmetry 
_pdbx_struct_conn_angle.ptnr2_label_atom_id 
_pdbx_struct_conn_angle.ptnr2_label_alt_id 
_pdbx_struct_conn_angle.ptnr2_label_asym_id 
_pdbx_struct_conn_angle.ptnr2_label_comp_id 
_pdbx_struct_conn_angle.ptnr2_label_seq_id 
_pdbx_struct_conn_angle.ptnr2_auth_atom_id 
_pdbx_struct_conn_angle.ptnr2_auth_asym_id 
_pdbx_struct_conn_angle.ptnr2_auth_comp_id 
_pdbx_struct_conn_angle.ptnr2_auth_seq_id 
_pdbx_struct_conn_angle.ptnr2_PDB_ins_code 
_pdbx_struct_conn_angle.ptnr2_symmetry 
_pdbx_struct_conn_angle.ptnr3_label_atom_id 
_pdbx_struct_conn_angle.ptnr3_label_alt_id 
_pdbx_struct_conn_angle.ptnr3_label_asym_id 
_pdbx_struct_conn_angle.ptnr3_label_comp_id 
_pdbx_struct_conn_angle.ptnr3_label_seq_id 
_pdbx_struct_conn_angle.ptnr3_auth_atom_id 
_pdbx_struct_conn_angle.ptnr3_auth_asym_id 
_pdbx_struct_conn_angle.ptnr3_auth_comp_id 
_pdbx_struct_conn_angle.ptnr3_auth_seq_id 
_pdbx_struct_conn_angle.ptnr3_PDB_ins_code 
_pdbx_struct_conn_angle.ptnr3_symmetry 
_pdbx_struct_conn_angle.value 
_pdbx_struct_conn_angle.value_esd 
1 OP1 ? A DG  9 ? A DG  9  ? 1_555 MG ? B MG . ? A MG 10 ? 1_555 O ? C HOH . ? A HOH 38 ? 1_555 90.6 ? 
2 OP1 ? A DG  9 ? A DG  9  ? 1_555 MG ? B MG . ? A MG 10 ? 1_555 O ? C HOH . ? A HOH 39 ? 1_555 76.3 ? 
3 O   ? C HOH . ? A HOH 38 ? 1_555 MG ? B MG . ? A MG 10 ? 1_555 O ? C HOH . ? A HOH 39 ? 1_555 83.4 ? 
# 
_struct_site.id                   AC1 
_struct_site.pdbx_evidence_code   Software 
_struct_site.pdbx_auth_asym_id    A 
_struct_site.pdbx_auth_comp_id    MG 
_struct_site.pdbx_auth_seq_id     10 
_struct_site.pdbx_auth_ins_code   ? 
_struct_site.pdbx_num_residues    6 
_struct_site.details              'BINDING SITE FOR RESIDUE MG A 10' 
# 
loop_
_struct_site_gen.id 
_struct_site_gen.site_id 
_struct_site_gen.pdbx_num_res 
_struct_site_gen.label_comp_id 
_struct_site_gen.label_asym_id 
_struct_site_gen.label_seq_id 
_struct_site_gen.pdbx_auth_ins_code 
_struct_site_gen.auth_comp_id 
_struct_site_gen.auth_asym_id 
_struct_site_gen.auth_seq_id 
_struct_site_gen.label_atom_id 
_struct_site_gen.label_alt_id 
_struct_site_gen.symmetry 
_struct_site_gen.details 
1 AC1 6 DG  A 9 ? DG  A 9  . ? 1_555 ? 
2 AC1 6 DG  A 9 ? DG  A 9  . ? 2_565 ? 
3 AC1 6 HOH C . ? HOH A 38 . ? 2_565 ? 
4 AC1 6 HOH C . ? HOH A 38 . ? 1_555 ? 
5 AC1 6 HOH C . ? HOH A 39 . ? 2_565 ? 
6 AC1 6 HOH C . ? HOH A 39 . ? 1_555 ? 
# 
_pdbx_validate_planes.id              1 
_pdbx_validate_planes.PDB_model_num   1 
_pdbx_validate_planes.auth_comp_id    DG 
_pdbx_validate_planes.auth_asym_id    A 
_pdbx_validate_planes.auth_seq_id     1 
_pdbx_validate_planes.PDB_ins_code    ? 
_pdbx_validate_planes.label_alt_id    ? 
_pdbx_validate_planes.rmsd            0.098 
_pdbx_validate_planes.type            'SIDE CHAIN' 
# 
loop_
_pdbx_struct_special_symmetry.id 
_pdbx_struct_special_symmetry.PDB_model_num 
_pdbx_struct_special_symmetry.auth_asym_id 
_pdbx_struct_special_symmetry.auth_comp_id 
_pdbx_struct_special_symmetry.auth_seq_id 
_pdbx_struct_special_symmetry.PDB_ins_code 
_pdbx_struct_special_symmetry.label_asym_id 
_pdbx_struct_special_symmetry.label_comp_id 
_pdbx_struct_special_symmetry.label_seq_id 
1 1 A MG  10 ? B MG  . 
2 1 A HOH 13 ? C HOH . 
3 1 A HOH 28 ? C HOH . 
4 1 A HOH 36 ? C HOH . 
# 
loop_
_refine_B_iso.class 
_refine_B_iso.details 
_refine_B_iso.treatment 
_refine_B_iso.pdbx_refine_id 
'ALL ATOMS'  TR isotropic 'X-RAY DIFFRACTION' 
'ALL WATERS' TR isotropic 'X-RAY DIFFRACTION' 
# 
loop_
_refine_occupancy.class 
_refine_occupancy.treatment 
_refine_occupancy.pdbx_refine_id 
'ALL ATOMS'  fix 'X-RAY DIFFRACTION' 
'ALL WATERS' fix 'X-RAY DIFFRACTION' 
# 
loop_
_chem_comp_atom.comp_id 
_chem_comp_atom.atom_id 
_chem_comp_atom.type_symbol 
_chem_comp_atom.pdbx_aromatic_flag 
_chem_comp_atom.pdbx_stereo_config 
_chem_comp_atom.pdbx_ordinal 
DA  OP3    O  N N 1   
DA  P      P  N N 2   
DA  OP1    O  N N 3   
DA  OP2    O  N N 4   
DA  "O5'"  O  N N 5   
DA  "C5'"  C  N N 6   
DA  "C4'"  C  N R 7   
DA  "O4'"  O  N N 8   
DA  "C3'"  C  N S 9   
DA  "O3'"  O  N N 10  
DA  "C2'"  C  N N 11  
DA  "C1'"  C  N R 12  
DA  N9     N  Y N 13  
DA  C8     C  Y N 14  
DA  N7     N  Y N 15  
DA  C5     C  Y N 16  
DA  C6     C  Y N 17  
DA  N6     N  N N 18  
DA  N1     N  Y N 19  
DA  C2     C  Y N 20  
DA  N3     N  Y N 21  
DA  C4     C  Y N 22  
DA  HOP3   H  N N 23  
DA  HOP2   H  N N 24  
DA  "H5'"  H  N N 25  
DA  "H5''" H  N N 26  
DA  "H4'"  H  N N 27  
DA  "H3'"  H  N N 28  
DA  "HO3'" H  N N 29  
DA  "H2'"  H  N N 30  
DA  "H2''" H  N N 31  
DA  "H1'"  H  N N 32  
DA  H8     H  N N 33  
DA  H61    H  N N 34  
DA  H62    H  N N 35  
DA  H2     H  N N 36  
DC  OP3    O  N N 37  
DC  P      P  N N 38  
DC  OP1    O  N N 39  
DC  OP2    O  N N 40  
DC  "O5'"  O  N N 41  
DC  "C5'"  C  N N 42  
DC  "C4'"  C  N R 43  
DC  "O4'"  O  N N 44  
DC  "C3'"  C  N S 45  
DC  "O3'"  O  N N 46  
DC  "C2'"  C  N N 47  
DC  "C1'"  C  N R 48  
DC  N1     N  N N 49  
DC  C2     C  N N 50  
DC  O2     O  N N 51  
DC  N3     N  N N 52  
DC  C4     C  N N 53  
DC  N4     N  N N 54  
DC  C5     C  N N 55  
DC  C6     C  N N 56  
DC  HOP3   H  N N 57  
DC  HOP2   H  N N 58  
DC  "H5'"  H  N N 59  
DC  "H5''" H  N N 60  
DC  "H4'"  H  N N 61  
DC  "H3'"  H  N N 62  
DC  "HO3'" H  N N 63  
DC  "H2'"  H  N N 64  
DC  "H2''" H  N N 65  
DC  "H1'"  H  N N 66  
DC  H41    H  N N 67  
DC  H42    H  N N 68  
DC  H5     H  N N 69  
DC  H6     H  N N 70  
DG  OP3    O  N N 71  
DG  P      P  N N 72  
DG  OP1    O  N N 73  
DG  OP2    O  N N 74  
DG  "O5'"  O  N N 75  
DG  "C5'"  C  N N 76  
DG  "C4'"  C  N R 77  
DG  "O4'"  O  N N 78  
DG  "C3'"  C  N S 79  
DG  "O3'"  O  N N 80  
DG  "C2'"  C  N N 81  
DG  "C1'"  C  N R 82  
DG  N9     N  Y N 83  
DG  C8     C  Y N 84  
DG  N7     N  Y N 85  
DG  C5     C  Y N 86  
DG  C6     C  N N 87  
DG  O6     O  N N 88  
DG  N1     N  N N 89  
DG  C2     C  N N 90  
DG  N2     N  N N 91  
DG  N3     N  N N 92  
DG  C4     C  Y N 93  
DG  HOP3   H  N N 94  
DG  HOP2   H  N N 95  
DG  "H5'"  H  N N 96  
DG  "H5''" H  N N 97  
DG  "H4'"  H  N N 98  
DG  "H3'"  H  N N 99  
DG  "HO3'" H  N N 100 
DG  "H2'"  H  N N 101 
DG  "H2''" H  N N 102 
DG  "H1'"  H  N N 103 
DG  H8     H  N N 104 
DG  H1     H  N N 105 
DG  H21    H  N N 106 
DG  H22    H  N N 107 
DT  OP3    O  N N 108 
DT  P      P  N N 109 
DT  OP1    O  N N 110 
DT  OP2    O  N N 111 
DT  "O5'"  O  N N 112 
DT  "C5'"  C  N N 113 
DT  "C4'"  C  N R 114 
DT  "O4'"  O  N N 115 
DT  "C3'"  C  N S 116 
DT  "O3'"  O  N N 117 
DT  "C2'"  C  N N 118 
DT  "C1'"  C  N R 119 
DT  N1     N  N N 120 
DT  C2     C  N N 121 
DT  O2     O  N N 122 
DT  N3     N  N N 123 
DT  C4     C  N N 124 
DT  O4     O  N N 125 
DT  C5     C  N N 126 
DT  C7     C  N N 127 
DT  C6     C  N N 128 
DT  HOP3   H  N N 129 
DT  HOP2   H  N N 130 
DT  "H5'"  H  N N 131 
DT  "H5''" H  N N 132 
DT  "H4'"  H  N N 133 
DT  "H3'"  H  N N 134 
DT  "HO3'" H  N N 135 
DT  "H2'"  H  N N 136 
DT  "H2''" H  N N 137 
DT  "H1'"  H  N N 138 
DT  H3     H  N N 139 
DT  H71    H  N N 140 
DT  H72    H  N N 141 
DT  H73    H  N N 142 
DT  H6     H  N N 143 
HOH O      O  N N 144 
HOH H1     H  N N 145 
HOH H2     H  N N 146 
MG  MG     MG N N 147 
# 
loop_
_chem_comp_bond.comp_id 
_chem_comp_bond.atom_id_1 
_chem_comp_bond.atom_id_2 
_chem_comp_bond.value_order 
_chem_comp_bond.pdbx_aromatic_flag 
_chem_comp_bond.pdbx_stereo_config 
_chem_comp_bond.pdbx_ordinal 
DA  OP3   P      sing N N 1   
DA  OP3   HOP3   sing N N 2   
DA  P     OP1    doub N N 3   
DA  P     OP2    sing N N 4   
DA  P     "O5'"  sing N N 5   
DA  OP2   HOP2   sing N N 6   
DA  "O5'" "C5'"  sing N N 7   
DA  "C5'" "C4'"  sing N N 8   
DA  "C5'" "H5'"  sing N N 9   
DA  "C5'" "H5''" sing N N 10  
DA  "C4'" "O4'"  sing N N 11  
DA  "C4'" "C3'"  sing N N 12  
DA  "C4'" "H4'"  sing N N 13  
DA  "O4'" "C1'"  sing N N 14  
DA  "C3'" "O3'"  sing N N 15  
DA  "C3'" "C2'"  sing N N 16  
DA  "C3'" "H3'"  sing N N 17  
DA  "O3'" "HO3'" sing N N 18  
DA  "C2'" "C1'"  sing N N 19  
DA  "C2'" "H2'"  sing N N 20  
DA  "C2'" "H2''" sing N N 21  
DA  "C1'" N9     sing N N 22  
DA  "C1'" "H1'"  sing N N 23  
DA  N9    C8     sing Y N 24  
DA  N9    C4     sing Y N 25  
DA  C8    N7     doub Y N 26  
DA  C8    H8     sing N N 27  
DA  N7    C5     sing Y N 28  
DA  C5    C6     sing Y N 29  
DA  C5    C4     doub Y N 30  
DA  C6    N6     sing N N 31  
DA  C6    N1     doub Y N 32  
DA  N6    H61    sing N N 33  
DA  N6    H62    sing N N 34  
DA  N1    C2     sing Y N 35  
DA  C2    N3     doub Y N 36  
DA  C2    H2     sing N N 37  
DA  N3    C4     sing Y N 38  
DC  OP3   P      sing N N 39  
DC  OP3   HOP3   sing N N 40  
DC  P     OP1    doub N N 41  
DC  P     OP2    sing N N 42  
DC  P     "O5'"  sing N N 43  
DC  OP2   HOP2   sing N N 44  
DC  "O5'" "C5'"  sing N N 45  
DC  "C5'" "C4'"  sing N N 46  
DC  "C5'" "H5'"  sing N N 47  
DC  "C5'" "H5''" sing N N 48  
DC  "C4'" "O4'"  sing N N 49  
DC  "C4'" "C3'"  sing N N 50  
DC  "C4'" "H4'"  sing N N 51  
DC  "O4'" "C1'"  sing N N 52  
DC  "C3'" "O3'"  sing N N 53  
DC  "C3'" "C2'"  sing N N 54  
DC  "C3'" "H3'"  sing N N 55  
DC  "O3'" "HO3'" sing N N 56  
DC  "C2'" "C1'"  sing N N 57  
DC  "C2'" "H2'"  sing N N 58  
DC  "C2'" "H2''" sing N N 59  
DC  "C1'" N1     sing N N 60  
DC  "C1'" "H1'"  sing N N 61  
DC  N1    C2     sing N N 62  
DC  N1    C6     sing N N 63  
DC  C2    O2     doub N N 64  
DC  C2    N3     sing N N 65  
DC  N3    C4     doub N N 66  
DC  C4    N4     sing N N 67  
DC  C4    C5     sing N N 68  
DC  N4    H41    sing N N 69  
DC  N4    H42    sing N N 70  
DC  C5    C6     doub N N 71  
DC  C5    H5     sing N N 72  
DC  C6    H6     sing N N 73  
DG  OP3   P      sing N N 74  
DG  OP3   HOP3   sing N N 75  
DG  P     OP1    doub N N 76  
DG  P     OP2    sing N N 77  
DG  P     "O5'"  sing N N 78  
DG  OP2   HOP2   sing N N 79  
DG  "O5'" "C5'"  sing N N 80  
DG  "C5'" "C4'"  sing N N 81  
DG  "C5'" "H5'"  sing N N 82  
DG  "C5'" "H5''" sing N N 83  
DG  "C4'" "O4'"  sing N N 84  
DG  "C4'" "C3'"  sing N N 85  
DG  "C4'" "H4'"  sing N N 86  
DG  "O4'" "C1'"  sing N N 87  
DG  "C3'" "O3'"  sing N N 88  
DG  "C3'" "C2'"  sing N N 89  
DG  "C3'" "H3'"  sing N N 90  
DG  "O3'" "HO3'" sing N N 91  
DG  "C2'" "C1'"  sing N N 92  
DG  "C2'" "H2'"  sing N N 93  
DG  "C2'" "H2''" sing N N 94  
DG  "C1'" N9     sing N N 95  
DG  "C1'" "H1'"  sing N N 96  
DG  N9    C8     sing Y N 97  
DG  N9    C4     sing Y N 98  
DG  C8    N7     doub Y N 99  
DG  C8    H8     sing N N 100 
DG  N7    C5     sing Y N 101 
DG  C5    C6     sing N N 102 
DG  C5    C4     doub Y N 103 
DG  C6    O6     doub N N 104 
DG  C6    N1     sing N N 105 
DG  N1    C2     sing N N 106 
DG  N1    H1     sing N N 107 
DG  C2    N2     sing N N 108 
DG  C2    N3     doub N N 109 
DG  N2    H21    sing N N 110 
DG  N2    H22    sing N N 111 
DG  N3    C4     sing N N 112 
DT  OP3   P      sing N N 113 
DT  OP3   HOP3   sing N N 114 
DT  P     OP1    doub N N 115 
DT  P     OP2    sing N N 116 
DT  P     "O5'"  sing N N 117 
DT  OP2   HOP2   sing N N 118 
DT  "O5'" "C5'"  sing N N 119 
DT  "C5'" "C4'"  sing N N 120 
DT  "C5'" "H5'"  sing N N 121 
DT  "C5'" "H5''" sing N N 122 
DT  "C4'" "O4'"  sing N N 123 
DT  "C4'" "C3'"  sing N N 124 
DT  "C4'" "H4'"  sing N N 125 
DT  "O4'" "C1'"  sing N N 126 
DT  "C3'" "O3'"  sing N N 127 
DT  "C3'" "C2'"  sing N N 128 
DT  "C3'" "H3'"  sing N N 129 
DT  "O3'" "HO3'" sing N N 130 
DT  "C2'" "C1'"  sing N N 131 
DT  "C2'" "H2'"  sing N N 132 
DT  "C2'" "H2''" sing N N 133 
DT  "C1'" N1     sing N N 134 
DT  "C1'" "H1'"  sing N N 135 
DT  N1    C2     sing N N 136 
DT  N1    C6     sing N N 137 
DT  C2    O2     doub N N 138 
DT  C2    N3     sing N N 139 
DT  N3    C4     sing N N 140 
DT  N3    H3     sing N N 141 
DT  C4    O4     doub N N 142 
DT  C4    C5     sing N N 143 
DT  C5    C7     sing N N 144 
DT  C5    C6     doub N N 145 
DT  C7    H71    sing N N 146 
DT  C7    H72    sing N N 147 
DT  C7    H73    sing N N 148 
DT  C6    H6     sing N N 149 
HOH O     H1     sing N N 150 
HOH O     H2     sing N N 151 
# 
_ndb_struct_conf_na.entry_id   253D 
_ndb_struct_conf_na.feature    'b-form double helix' 
# 
loop_
_ndb_struct_na_base_pair.model_number 
_ndb_struct_na_base_pair.i_label_asym_id 
_ndb_struct_na_base_pair.i_label_comp_id 
_ndb_struct_na_base_pair.i_label_seq_id 
_ndb_struct_na_base_pair.i_symmetry 
_ndb_struct_na_base_pair.j_label_asym_id 
_ndb_struct_na_base_pair.j_label_comp_id 
_ndb_struct_na_base_pair.j_label_seq_id 
_ndb_struct_na_base_pair.j_symmetry 
_ndb_struct_na_base_pair.shear 
_ndb_struct_na_base_pair.stretch 
_ndb_struct_na_base_pair.stagger 
_ndb_struct_na_base_pair.buckle 
_ndb_struct_na_base_pair.propeller 
_ndb_struct_na_base_pair.opening 
_ndb_struct_na_base_pair.pair_number 
_ndb_struct_na_base_pair.pair_name 
_ndb_struct_na_base_pair.i_auth_asym_id 
_ndb_struct_na_base_pair.i_auth_seq_id 
_ndb_struct_na_base_pair.i_PDB_ins_code 
_ndb_struct_na_base_pair.j_auth_asym_id 
_ndb_struct_na_base_pair.j_auth_seq_id 
_ndb_struct_na_base_pair.j_PDB_ins_code 
_ndb_struct_na_base_pair.hbond_type_28 
_ndb_struct_na_base_pair.hbond_type_12 
1 A DG 1 1_555 A DC 8 7_555 -0.417 -0.194 -0.061 -7.590  8.181   -6.276 1 A_DG1:DC8_A A 1 ? A 8 ? 19 1 
1 A DC 2 1_555 A DG 7 7_555 -0.040 -0.240 0.199  -3.517  1.535   0.988  2 A_DC2:DG7_A A 2 ? A 7 ? 19 1 
1 A DG 3 1_555 A DC 6 7_555 0.056  -0.396 0.316  12.770  -9.832  -3.695 3 A_DG3:DC6_A A 3 ? A 6 ? 19 1 
1 A DT 4 1_555 A DA 5 7_555 -0.194 0.084  0.174  5.855   -17.443 8.770  4 A_DT4:DA5_A A 4 ? A 5 ? 20 1 
1 A DA 5 1_555 A DT 4 7_555 0.194  0.084  0.174  -5.855  -17.443 8.770  5 A_DA5:DT4_A A 5 ? A 4 ? 20 1 
1 A DC 6 1_555 A DG 3 7_555 -0.056 -0.396 0.316  -12.770 -9.832  -3.695 6 A_DC6:DG3_A A 6 ? A 3 ? 19 1 
1 A DG 7 1_555 A DC 2 7_555 0.040  -0.240 0.199  3.517   1.535   0.988  7 A_DG7:DC2_A A 7 ? A 2 ? 19 1 
1 A DC 8 1_555 A DG 1 7_555 0.417  -0.194 -0.061 7.590   8.181   -6.276 8 A_DC8:DG1_A A 8 ? A 1 ? 19 1 
# 
loop_
_ndb_struct_na_base_pair_step.model_number 
_ndb_struct_na_base_pair_step.i_label_asym_id_1 
_ndb_struct_na_base_pair_step.i_label_comp_id_1 
_ndb_struct_na_base_pair_step.i_label_seq_id_1 
_ndb_struct_na_base_pair_step.i_symmetry_1 
_ndb_struct_na_base_pair_step.j_label_asym_id_1 
_ndb_struct_na_base_pair_step.j_label_comp_id_1 
_ndb_struct_na_base_pair_step.j_label_seq_id_1 
_ndb_struct_na_base_pair_step.j_symmetry_1 
_ndb_struct_na_base_pair_step.i_label_asym_id_2 
_ndb_struct_na_base_pair_step.i_label_comp_id_2 
_ndb_struct_na_base_pair_step.i_label_seq_id_2 
_ndb_struct_na_base_pair_step.i_symmetry_2 
_ndb_struct_na_base_pair_step.j_label_asym_id_2 
_ndb_struct_na_base_pair_step.j_label_comp_id_2 
_ndb_struct_na_base_pair_step.j_label_seq_id_2 
_ndb_struct_na_base_pair_step.j_symmetry_2 
_ndb_struct_na_base_pair_step.shift 
_ndb_struct_na_base_pair_step.slide 
_ndb_struct_na_base_pair_step.rise 
_ndb_struct_na_base_pair_step.tilt 
_ndb_struct_na_base_pair_step.roll 
_ndb_struct_na_base_pair_step.twist 
_ndb_struct_na_base_pair_step.x_displacement 
_ndb_struct_na_base_pair_step.y_displacement 
_ndb_struct_na_base_pair_step.helical_rise 
_ndb_struct_na_base_pair_step.inclination 
_ndb_struct_na_base_pair_step.tip 
_ndb_struct_na_base_pair_step.helical_twist 
_ndb_struct_na_base_pair_step.step_number 
_ndb_struct_na_base_pair_step.step_name 
_ndb_struct_na_base_pair_step.i_auth_asym_id_1 
_ndb_struct_na_base_pair_step.i_auth_seq_id_1 
_ndb_struct_na_base_pair_step.i_PDB_ins_code_1 
_ndb_struct_na_base_pair_step.j_auth_asym_id_1 
_ndb_struct_na_base_pair_step.j_auth_seq_id_1 
_ndb_struct_na_base_pair_step.j_PDB_ins_code_1 
_ndb_struct_na_base_pair_step.i_auth_asym_id_2 
_ndb_struct_na_base_pair_step.i_auth_seq_id_2 
_ndb_struct_na_base_pair_step.i_PDB_ins_code_2 
_ndb_struct_na_base_pair_step.j_auth_asym_id_2 
_ndb_struct_na_base_pair_step.j_auth_seq_id_2 
_ndb_struct_na_base_pair_step.j_PDB_ins_code_2 
1 A DG 1 1_555 A DC 8 7_555 A DC 2 1_555 A DG 7 7_555 0.565  -0.160 3.408 -2.733 -3.200 33.380 0.266 -1.439 3.353 -5.544 4.735  
33.637 1 AA_DG1DC2:DG7DC8_AA A 1 ? A 8 ? A 2 ? A 7 ? 
1 A DC 2 1_555 A DG 7 7_555 A DG 3 1_555 A DC 6 7_555 -1.026 0.915  3.064 1.156  0.606  33.937 1.476 1.929  3.044 1.038  -1.980 
33.961 2 AA_DC2DG3:DC6DG7_AA A 2 ? A 7 ? A 3 ? A 6 ? 
1 A DG 3 1_555 A DC 6 7_555 A DT 4 1_555 A DA 5 7_555 0.655  0.402  3.655 3.710  -1.149 35.323 0.848 -0.463 3.688 -1.887 -6.091 
35.530 3 AA_DG3DT4:DA5DC6_AA A 3 ? A 6 ? A 4 ? A 5 ? 
1 A DT 4 1_555 A DA 5 7_555 A DA 5 1_555 A DT 4 7_555 0.000  1.775  3.707 0.000  0.366  49.270 2.098 0.000  3.719 0.439  0.000  
49.271 4 AA_DT4DA5:DT4DA5_AA A 4 ? A 5 ? A 5 ? A 4 ? 
1 A DA 5 1_555 A DT 4 7_555 A DC 6 1_555 A DG 3 7_555 -0.655 0.402  3.655 -3.710 -1.149 35.323 0.848 0.463  3.688 -1.887 6.091  
35.530 5 AA_DA5DC6:DG3DT4_AA A 5 ? A 4 ? A 6 ? A 3 ? 
1 A DC 6 1_555 A DG 3 7_555 A DG 7 1_555 A DC 2 7_555 1.026  0.915  3.064 -1.156 0.606  33.937 1.476 -1.929 3.044 1.038  1.980  
33.961 6 AA_DC6DG7:DC2DG3_AA A 6 ? A 3 ? A 7 ? A 2 ? 
1 A DG 7 1_555 A DC 2 7_555 A DC 8 1_555 A DG 1 7_555 -0.565 -0.160 3.408 2.733  -3.200 33.380 0.266 1.439  3.353 -5.544 -4.735 
33.637 7 AA_DG7DC8:DG1DC2_AA A 7 ? A 2 ? A 8 ? A 1 ? 
# 
_atom_sites.entry_id                    253D 
_atom_sites.fract_transf_matrix[1][1]   -0.02234265 
_atom_sites.fract_transf_matrix[1][2]   0.00893591 
_atom_sites.fract_transf_matrix[1][3]   -0.00899621 
_atom_sites.fract_transf_matrix[2][1]   0.01197418 
_atom_sites.fract_transf_matrix[2][2]   0.02086515 
_atom_sites.fract_transf_matrix[2][3]   -0.00901335 
_atom_sites.fract_transf_matrix[3][1]   0.00491677 
_atom_sites.fract_transf_matrix[3][2]   -0.01418184 
_atom_sites.fract_transf_matrix[3][3]   -0.02629789 
_atom_sites.fract_transf_vector[1]      0.234572 
_atom_sites.fract_transf_vector[2]      0.288070 
_atom_sites.fract_transf_vector[3]      -0.012246 
# 
loop_
_atom_type.symbol 
C  
MG 
N  
O  
P  
# 
loop_
_atom_site.group_PDB 
_atom_site.id 
_atom_site.type_symbol 
_atom_site.label_atom_id 
_atom_site.label_alt_id 
_atom_site.label_comp_id 
_atom_site.label_asym_id 
_atom_site.label_entity_id 
_atom_site.label_seq_id 
_atom_site.pdbx_PDB_ins_code 
_atom_site.Cartn_x 
_atom_site.Cartn_y 
_atom_site.Cartn_z 
_atom_site.occupancy 
_atom_site.B_iso_or_equiv 
_atom_site.pdbx_formal_charge 
_atom_site.auth_seq_id 
_atom_site.auth_comp_id 
_atom_site.auth_asym_id 
_atom_site.auth_atom_id 
_atom_site.pdbx_PDB_model_num 
ATOM   1   O  "O5'" . DG  A 1 1 ? -16.820 -0.803  -9.870  1.00 24.94 ? 1  DG  A "O5'" 1 
ATOM   2   C  "C5'" . DG  A 1 1 ? -16.303 -1.760  -8.934  1.00 22.91 ? 1  DG  A "C5'" 1 
ATOM   3   C  "C4'" . DG  A 1 1 ? -15.996 -0.995  -7.668  1.00 20.23 ? 1  DG  A "C4'" 1 
ATOM   4   O  "O4'" . DG  A 1 1 ? -15.552 -1.845  -6.590  1.00 16.62 ? 1  DG  A "O4'" 1 
ATOM   5   C  "C3'" . DG  A 1 1 ? -14.918 0.058   -7.833  1.00 20.91 ? 1  DG  A "C3'" 1 
ATOM   6   O  "O3'" . DG  A 1 1 ? -15.370 1.180   -7.094  1.00 26.23 ? 1  DG  A "O3'" 1 
ATOM   7   C  "C2'" . DG  A 1 1 ? -13.681 -0.604  -7.247  1.00 18.23 ? 1  DG  A "C2'" 1 
ATOM   8   C  "C1'" . DG  A 1 1 ? -14.274 -1.428  -6.125  1.00 15.66 ? 1  DG  A "C1'" 1 
ATOM   9   N  N9    . DG  A 1 1 ? -13.570 -2.632  -5.734  1.00 10.63 ? 1  DG  A N9    1 
ATOM   10  C  C8    . DG  A 1 1 ? -13.221 -3.664  -6.556  1.00 9.02  ? 1  DG  A C8    1 
ATOM   11  N  N7    . DG  A 1 1 ? -12.798 -4.714  -5.904  1.00 9.27  ? 1  DG  A N7    1 
ATOM   12  C  C5    . DG  A 1 1 ? -12.822 -4.334  -4.570  1.00 4.07  ? 1  DG  A C5    1 
ATOM   13  C  C6    . DG  A 1 1 ? -12.563 -5.081  -3.418  1.00 3.04  ? 1  DG  A C6    1 
ATOM   14  O  O6    . DG  A 1 1 ? -12.269 -6.265  -3.326  1.00 2.00  ? 1  DG  A O6    1 
ATOM   15  N  N1    . DG  A 1 1 ? -12.702 -4.318  -2.266  1.00 6.87  ? 1  DG  A N1    1 
ATOM   16  C  C2    . DG  A 1 1 ? -13.073 -3.004  -2.237  1.00 7.92  ? 1  DG  A C2    1 
ATOM   17  N  N2    . DG  A 1 1 ? -13.087 -2.452  -1.020  1.00 10.63 ? 1  DG  A N2    1 
ATOM   18  N  N3    . DG  A 1 1 ? -13.389 -2.296  -3.314  1.00 6.68  ? 1  DG  A N3    1 
ATOM   19  C  C4    . DG  A 1 1 ? -13.235 -3.027  -4.447  1.00 8.36  ? 1  DG  A C4    1 
ATOM   20  P  P     . DC  A 1 2 ? -14.504 2.520   -7.074  1.00 30.11 ? 2  DC  A P     1 
ATOM   21  O  OP1   . DC  A 1 2 ? -15.467 3.642   -6.839  1.00 32.72 ? 2  DC  A OP1   1 
ATOM   22  O  OP2   . DC  A 1 2 ? -13.596 2.552   -8.256  1.00 30.45 ? 2  DC  A OP2   1 
ATOM   23  O  "O5'" . DC  A 1 2 ? -13.633 2.352   -5.761  1.00 27.51 ? 2  DC  A "O5'" 1 
ATOM   24  C  "C5'" . DC  A 1 2 ? -14.267 1.976   -4.558  1.00 20.35 ? 2  DC  A "C5'" 1 
ATOM   25  C  "C4'" . DC  A 1 2 ? -13.273 2.007   -3.431  1.00 17.56 ? 2  DC  A "C4'" 1 
ATOM   26  O  "O4'" . DC  A 1 2 ? -12.723 0.687   -3.264  1.00 17.34 ? 2  DC  A "O4'" 1 
ATOM   27  C  "C3'" . DC  A 1 2 ? -12.087 2.959   -3.583  1.00 17.43 ? 2  DC  A "C3'" 1 
ATOM   28  O  "O3'" . DC  A 1 2 ? -11.951 3.652   -2.331  1.00 21.02 ? 2  DC  A "O3'" 1 
ATOM   29  C  "C2'" . DC  A 1 2 ? -10.929 2.025   -3.857  1.00 15.06 ? 2  DC  A "C2'" 1 
ATOM   30  C  "C1'" . DC  A 1 2 ? -11.334 0.779   -3.090  1.00 13.08 ? 2  DC  A "C1'" 1 
ATOM   31  N  N1    . DC  A 1 2 ? -10.759 -0.457  -3.580  1.00 9.33  ? 2  DC  A N1    1 
ATOM   32  C  C2    . DC  A 1 2 ? -10.303 -1.391  -2.684  1.00 9.00  ? 2  DC  A C2    1 
ATOM   33  O  O2    . DC  A 1 2 ? -10.398 -1.149  -1.512  1.00 11.17 ? 2  DC  A O2    1 
ATOM   34  N  N3    . DC  A 1 2 ? -9.763  -2.551  -3.129  1.00 7.74  ? 2  DC  A N3    1 
ATOM   35  C  C4    . DC  A 1 2 ? -9.678  -2.768  -4.449  1.00 7.78  ? 2  DC  A C4    1 
ATOM   36  N  N4    . DC  A 1 2 ? -9.141  -3.918  -4.887  1.00 6.09  ? 2  DC  A N4    1 
ATOM   37  C  C5    . DC  A 1 2 ? -10.143 -1.822  -5.385  1.00 7.25  ? 2  DC  A C5    1 
ATOM   38  C  C6    . DC  A 1 2 ? -10.678 -0.693  -4.915  1.00 9.15  ? 2  DC  A C6    1 
ATOM   39  P  P     . DG  A 1 3 ? -11.202 5.075   -2.229  1.00 21.52 ? 3  DG  A P     1 
ATOM   40  O  OP1   . DG  A 1 3 ? -12.200 6.145   -2.064  1.00 24.47 ? 3  DG  A OP1   1 
ATOM   41  O  OP2   . DG  A 1 3 ? -10.121 5.217   -3.221  1.00 22.20 ? 3  DG  A OP2   1 
ATOM   42  O  "O5'" . DG  A 1 3 ? -10.494 4.978   -0.822  1.00 23.03 ? 3  DG  A "O5'" 1 
ATOM   43  C  "C5'" . DG  A 1 3 ? -11.205 4.474   0.267   1.00 21.66 ? 3  DG  A "C5'" 1 
ATOM   44  C  "C4'" . DG  A 1 3 ? -10.226 4.012   1.309   1.00 23.64 ? 3  DG  A "C4'" 1 
ATOM   45  O  "O4'" . DG  A 1 3 ? -9.631  2.765   0.905   1.00 19.12 ? 3  DG  A "O4'" 1 
ATOM   46  C  "C3'" . DG  A 1 3 ? -9.083  4.993   1.520   1.00 23.59 ? 3  DG  A "C3'" 1 
ATOM   47  O  "O3'" . DG  A 1 3 ? -8.947  5.191   2.941   1.00 30.88 ? 3  DG  A "O3'" 1 
ATOM   48  C  "C2'" . DG  A 1 3 ? -7.908  4.336   0.806   1.00 20.96 ? 3  DG  A "C2'" 1 
ATOM   49  C  "C1'" . DG  A 1 3 ? -8.229  2.850   0.839   1.00 16.85 ? 3  DG  A "C1'" 1 
ATOM   50  N  N9    . DG  A 1 3 ? -7.815  2.059   -0.344  1.00 13.00 ? 3  DG  A N9    1 
ATOM   51  C  C8    . DG  A 1 3 ? -7.786  2.465   -1.654  1.00 11.80 ? 3  DG  A C8    1 
ATOM   52  N  N7    . DG  A 1 3 ? -7.420  1.514   -2.478  1.00 10.58 ? 3  DG  A N7    1 
ATOM   53  C  C5    . DG  A 1 3 ? -7.195  0.418   -1.664  1.00 7.86  ? 3  DG  A C5    1 
ATOM   54  C  C6    . DG  A 1 3 ? -6.787  -0.887  -1.984  1.00 7.60  ? 3  DG  A C6    1 
ATOM   55  O  O6    . DG  A 1 3 ? -6.571  -1.382  -3.096  1.00 11.27 ? 3  DG  A O6    1 
ATOM   56  N  N1    . DG  A 1 3 ? -6.629  -1.663  -0.851  1.00 7.22  ? 3  DG  A N1    1 
ATOM   57  C  C2    . DG  A 1 3 ? -6.874  -1.234  0.431   1.00 5.30  ? 3  DG  A C2    1 
ATOM   58  N  N2    . DG  A 1 3 ? -6.650  -2.105  1.417   1.00 6.40  ? 3  DG  A N2    1 
ATOM   59  N  N3    . DG  A 1 3 ? -7.293  -0.043  0.733   1.00 5.09  ? 3  DG  A N3    1 
ATOM   60  C  C4    . DG  A 1 3 ? -7.417  0.737   -0.347  1.00 8.53  ? 3  DG  A C4    1 
ATOM   61  P  P     . DT  A 1 4 ? -7.666  5.963   3.548   1.00 34.26 ? 4  DT  A P     1 
ATOM   62  O  OP1   . DT  A 1 4 ? -8.046  6.670   4.810   1.00 35.16 ? 4  DT  A OP1   1 
ATOM   63  O  OP2   . DT  A 1 4 ? -6.994  6.718   2.436   1.00 34.65 ? 4  DT  A OP2   1 
ATOM   64  O  "O5'" . DT  A 1 4 ? -6.703  4.768   3.991   1.00 34.82 ? 4  DT  A "O5'" 1 
ATOM   65  C  "C5'" . DT  A 1 4 ? -7.159  3.748   4.894   1.00 31.71 ? 4  DT  A "C5'" 1 
ATOM   66  C  "C4'" . DT  A 1 4 ? -6.107  2.674   5.039   1.00 30.64 ? 4  DT  A "C4'" 1 
ATOM   67  O  "O4'" . DT  A 1 4 ? -5.829  2.066   3.741   1.00 30.55 ? 4  DT  A "O4'" 1 
ATOM   68  C  "C3'" . DT  A 1 4 ? -4.750  3.124   5.601   1.00 30.35 ? 4  DT  A "C3'" 1 
ATOM   69  O  "O3'" . DT  A 1 4 ? -4.393  2.159   6.608   1.00 31.09 ? 4  DT  A "O3'" 1 
ATOM   70  C  "C2'" . DT  A 1 4 ? -3.844  3.150   4.370   1.00 27.52 ? 4  DT  A "C2'" 1 
ATOM   71  C  "C1'" . DT  A 1 4 ? -4.429  2.048   3.486   1.00 25.60 ? 4  DT  A "C1'" 1 
ATOM   72  N  N1    . DT  A 1 4 ? -4.244  2.178   2.005   1.00 21.60 ? 4  DT  A N1    1 
ATOM   73  C  C2    . DT  A 1 4 ? -3.919  1.042   1.225   1.00 18.56 ? 4  DT  A C2    1 
ATOM   74  O  O2    . DT  A 1 4 ? -3.739  -0.090  1.658   1.00 17.45 ? 4  DT  A O2    1 
ATOM   75  N  N3    . DT  A 1 4 ? -3.822  1.278   -0.095  1.00 15.59 ? 4  DT  A N3    1 
ATOM   76  C  C4    . DT  A 1 4 ? -4.016  2.448   -0.738  1.00 18.00 ? 4  DT  A C4    1 
ATOM   77  O  O4    . DT  A 1 4 ? -3.925  2.470   -1.943  1.00 21.66 ? 4  DT  A O4    1 
ATOM   78  C  C5    . DT  A 1 4 ? -4.330  3.588   0.094   1.00 20.07 ? 4  DT  A C5    1 
ATOM   79  C  C7    . DT  A 1 4 ? -4.542  4.910   -0.561  1.00 20.58 ? 4  DT  A C7    1 
ATOM   80  C  C6    . DT  A 1 4 ? -4.421  3.405   1.421   1.00 19.66 ? 4  DT  A C6    1 
ATOM   81  P  P     . DA  A 1 5 ? -3.114  2.383   7.582   1.00 34.96 ? 5  DA  A P     1 
ATOM   82  O  OP1   . DA  A 1 5 ? -3.581  2.088   8.977   1.00 31.79 ? 5  DA  A OP1   1 
ATOM   83  O  OP2   . DA  A 1 5 ? -2.392  3.670   7.293   1.00 30.52 ? 5  DA  A OP2   1 
ATOM   84  O  "O5'" . DA  A 1 5 ? -2.212  1.132   7.168   1.00 30.44 ? 5  DA  A "O5'" 1 
ATOM   85  C  "C5'" . DA  A 1 5 ? -2.822  -0.166  7.083   1.00 27.42 ? 5  DA  A "C5'" 1 
ATOM   86  C  "C4'" . DA  A 1 5 ? -1.827  -1.198  6.608   1.00 25.06 ? 5  DA  A "C4'" 1 
ATOM   87  O  "O4'" . DA  A 1 5 ? -1.588  -0.974  5.203   1.00 24.02 ? 5  DA  A "O4'" 1 
ATOM   88  C  "C3'" . DA  A 1 5 ? -0.464  -1.121  7.287   1.00 24.06 ? 5  DA  A "C3'" 1 
ATOM   89  O  "O3'" . DA  A 1 5 ? 0.064   -2.408  7.563   1.00 25.67 ? 5  DA  A "O3'" 1 
ATOM   90  C  "C2'" . DA  A 1 5 ? 0.414   -0.372  6.302   1.00 22.17 ? 5  DA  A "C2'" 1 
ATOM   91  C  "C1'" . DA  A 1 5 ? -0.225  -0.615  4.954   1.00 20.02 ? 5  DA  A "C1'" 1 
ATOM   92  N  N9    . DA  A 1 5 ? -0.260  0.579   4.105   1.00 15.77 ? 5  DA  A N9    1 
ATOM   93  C  C8    . DA  A 1 5 ? -0.496  1.874   4.498   1.00 13.47 ? 5  DA  A C8    1 
ATOM   94  N  N7    . DA  A 1 5 ? -0.586  2.720   3.501   1.00 9.80  ? 5  DA  A N7    1 
ATOM   95  C  C5    . DA  A 1 5 ? -0.360  1.928   2.382   1.00 11.93 ? 5  DA  A C5    1 
ATOM   96  C  C6    . DA  A 1 5 ? -0.342  2.228   1.042   1.00 8.69  ? 5  DA  A C6    1 
ATOM   97  N  N6    . DA  A 1 5 ? -0.561  3.457   0.589   1.00 8.96  ? 5  DA  A N6    1 
ATOM   98  N  N1    . DA  A 1 5 ? -0.092  1.217   0.165   1.00 11.87 ? 5  DA  A N1    1 
ATOM   99  C  C2    . DA  A 1 5 ? 0.141   -0.013  0.652   1.00 12.72 ? 5  DA  A C2    1 
ATOM   100 N  N3    . DA  A 1 5 ? 0.144   -0.415  1.917   1.00 12.67 ? 5  DA  A N3    1 
ATOM   101 C  C4    . DA  A 1 5 ? -0.127  0.615   2.738   1.00 11.84 ? 5  DA  A C4    1 
ATOM   102 P  P     . DC  A 1 6 ? 1.587   -2.536  8.049   1.00 26.64 ? 6  DC  A P     1 
ATOM   103 O  OP1   . DC  A 1 6 ? 1.659   -3.668  8.995   1.00 26.34 ? 6  DC  A OP1   1 
ATOM   104 O  OP2   . DC  A 1 6 ? 2.071   -1.200  8.442   1.00 25.57 ? 6  DC  A OP2   1 
ATOM   105 O  "O5'" . DC  A 1 6 ? 2.369   -2.879  6.703   1.00 27.34 ? 6  DC  A "O5'" 1 
ATOM   106 C  "C5'" . DC  A 1 6 ? 1.692   -3.538  5.647   1.00 25.22 ? 6  DC  A "C5'" 1 
ATOM   107 C  "C4'" . DC  A 1 6 ? 2.667   -3.955  4.573   1.00 23.94 ? 6  DC  A "C4'" 1 
ATOM   108 O  "O4'" . DC  A 1 6 ? 2.665   -2.991  3.498   1.00 23.28 ? 6  DC  A "O4'" 1 
ATOM   109 C  "C3'" . DC  A 1 6 ? 4.122   -4.114  5.009   1.00 24.55 ? 6  DC  A "C3'" 1 
ATOM   110 O  "O3'" . DC  A 1 6 ? 4.627   -5.311  4.401   1.00 26.53 ? 6  DC  A "O3'" 1 
ATOM   111 C  "C2'" . DC  A 1 6 ? 4.798   -2.845  4.505   1.00 22.30 ? 6  DC  A "C2'" 1 
ATOM   112 C  "C1'" . DC  A 1 6 ? 3.969   -2.453  3.293   1.00 20.19 ? 6  DC  A "C1'" 1 
ATOM   113 N  N1    . DC  A 1 6 ? 3.807   -1.005  3.099   1.00 15.55 ? 6  DC  A N1    1 
ATOM   114 C  C2    . DC  A 1 6 ? 3.882   -0.477  1.817   1.00 12.32 ? 6  DC  A C2    1 
ATOM   115 O  O2    . DC  A 1 6 ? 4.153   -1.237  0.868   1.00 7.70  ? 6  DC  A O2    1 
ATOM   116 N  N3    . DC  A 1 6 ? 3.661   0.857   1.637   1.00 9.55  ? 6  DC  A N3    1 
ATOM   117 C  C4    . DC  A 1 6 ? 3.393   1.632   2.677   1.00 9.62  ? 6  DC  A C4    1 
ATOM   118 N  N4    . DC  A 1 6 ? 3.177   2.911   2.457   1.00 12.60 ? 6  DC  A N4    1 
ATOM   119 C  C5    . DC  A 1 6 ? 3.335   1.125   3.998   1.00 11.79 ? 6  DC  A C5    1 
ATOM   120 C  C6    . DC  A 1 6 ? 3.555   -0.187  4.167   1.00 16.23 ? 6  DC  A C6    1 
ATOM   121 P  P     . DG  A 1 7 ? 6.169   -5.704  4.546   1.00 27.66 ? 7  DG  A P     1 
ATOM   122 O  OP1   . DG  A 1 7 ? 6.278   -7.103  4.027   1.00 30.02 ? 7  DG  A OP1   1 
ATOM   123 O  OP2   . DG  A 1 7 ? 6.674   -5.386  5.905   1.00 26.92 ? 7  DG  A OP2   1 
ATOM   124 O  "O5'" . DG  A 1 7 ? 6.851   -4.786  3.450   1.00 26.61 ? 7  DG  A "O5'" 1 
ATOM   125 C  "C5'" . DG  A 1 7 ? 6.488   -4.977  2.081   1.00 24.45 ? 7  DG  A "C5'" 1 
ATOM   126 C  "C4'" . DG  A 1 7 ? 7.547   -4.413  1.172   1.00 21.34 ? 7  DG  A "C4'" 1 
ATOM   127 O  "O4'" . DG  A 1 7 ? 7.302   -2.996  1.038   1.00 19.68 ? 7  DG  A "O4'" 1 
ATOM   128 C  "C3'" . DG  A 1 7 ? 8.990   -4.567  1.666   1.00 20.67 ? 7  DG  A "C3'" 1 
ATOM   129 O  "O3'" . DG  A 1 7 ? 9.822   -4.923  0.533   1.00 22.73 ? 7  DG  A "O3'" 1 
ATOM   130 C  "C2'" . DG  A 1 7 ? 9.261   -3.231  2.342   1.00 19.69 ? 7  DG  A "C2'" 1 
ATOM   131 C  "C1'" . DG  A 1 7 ? 8.391   -2.258  1.561   1.00 17.66 ? 7  DG  A "C1'" 1 
ATOM   132 N  N9    . DG  A 1 7 ? 7.844   -1.140  2.310   1.00 13.53 ? 7  DG  A N9    1 
ATOM   133 C  C8    . DG  A 1 7 ? 7.657   -1.018  3.662   1.00 12.26 ? 7  DG  A C8    1 
ATOM   134 N  N7    . DG  A 1 7 ? 7.183   0.161   4.008   1.00 11.93 ? 7  DG  A N7    1 
ATOM   135 C  C5    . DG  A 1 7 ? 7.051   0.844   2.802   1.00 9.92  ? 7  DG  A C5    1 
ATOM   136 C  C6    . DG  A 1 7 ? 6.664   2.172   2.524   1.00 7.26  ? 7  DG  A C6    1 
ATOM   137 O  O6    . DG  A 1 7 ? 6.347   3.064   3.311   1.00 5.18  ? 7  DG  A O6    1 
ATOM   138 N  N1    . DG  A 1 7 ? 6.689   2.435   1.161   1.00 4.25  ? 7  DG  A N1    1 
ATOM   139 C  C2    . DG  A 1 7 ? 7.053   1.560   0.216   1.00 5.66  ? 7  DG  A C2    1 
ATOM   140 N  N2    . DG  A 1 7 ? 7.002   1.984   -1.004  1.00 8.34  ? 7  DG  A N2    1 
ATOM   141 N  N3    . DG  A 1 7 ? 7.443   0.343   0.441   1.00 10.91 ? 7  DG  A N3    1 
ATOM   142 C  C4    . DG  A 1 7 ? 7.422   0.047   1.751   1.00 11.54 ? 7  DG  A C4    1 
ATOM   143 P  P     . DC  A 1 8 ? 11.424  -4.713  0.546   1.00 24.51 ? 8  DC  A P     1 
ATOM   144 O  OP1   . DC  A 1 8 ? 11.959  -5.955  -0.058  1.00 27.07 ? 8  DC  A OP1   1 
ATOM   145 O  OP2   . DC  A 1 8 ? 11.966  -4.230  1.841   1.00 23.85 ? 8  DC  A OP2   1 
ATOM   146 O  "O5'" . DC  A 1 8 ? 11.660  -3.581  -0.534  1.00 20.65 ? 8  DC  A "O5'" 1 
ATOM   147 C  "C5'" . DC  A 1 8 ? 10.920  -3.603  -1.711  1.00 14.64 ? 8  DC  A "C5'" 1 
ATOM   148 C  "C4'" . DC  A 1 8 ? 11.275  -2.402  -2.534  1.00 14.68 ? 8  DC  A "C4'" 1 
ATOM   149 O  "O4'" . DC  A 1 8 ? 10.730  -1.230  -1.896  1.00 16.01 ? 8  DC  A "O4'" 1 
ATOM   150 C  "C3'" . DC  A 1 8 ? 12.767  -2.145  -2.632  1.00 15.65 ? 8  DC  A "C3'" 1 
ATOM   151 O  "O3'" . DC  A 1 8 ? 12.973  -1.511  -3.901  1.00 15.19 ? 8  DC  A "O3'" 1 
ATOM   152 C  "C2'" . DC  A 1 8 ? 13.014  -1.219  -1.449  1.00 13.75 ? 8  DC  A "C2'" 1 
ATOM   153 C  "C1'" . DC  A 1 8 ? 11.766  -0.370  -1.486  1.00 12.67 ? 8  DC  A "C1'" 1 
ATOM   154 N  N1    . DC  A 1 8 ? 11.337  0.287   -0.243  1.00 9.44  ? 8  DC  A N1    1 
ATOM   155 C  C2    . DC  A 1 8 ? 10.794  1.579   -0.327  1.00 9.16  ? 8  DC  A C2    1 
ATOM   156 O  O2    . DC  A 1 8 ? 10.683  2.120   -1.445  1.00 6.76  ? 8  DC  A O2    1 
ATOM   157 N  N3    . DC  A 1 8 ? 10.399  2.219   0.821   1.00 11.69 ? 8  DC  A N3    1 
ATOM   158 C  C4    . DC  A 1 8 ? 10.540  1.617   2.001   1.00 10.64 ? 8  DC  A C4    1 
ATOM   159 N  N4    . DC  A 1 8 ? 10.203  2.308   3.076   1.00 11.31 ? 8  DC  A N4    1 
ATOM   160 C  C5    . DC  A 1 8 ? 11.062  0.285   2.118   1.00 9.67  ? 8  DC  A C5    1 
ATOM   161 C  C6    . DC  A 1 8 ? 11.449  -0.337  0.971   1.00 11.22 ? 8  DC  A C6    1 
ATOM   162 P  P     . DG  A 1 9 ? 14.395  -1.587  -4.632  1.00 19.07 ? 9  DG  A P     1 
ATOM   163 O  OP1   . DG  A 1 9 ? 14.252  -1.033  -6.029  1.00 14.01 ? 9  DG  A OP1   1 
ATOM   164 O  OP2   . DG  A 1 9 ? 14.928  -2.966  -4.429  1.00 14.91 ? 9  DG  A OP2   1 
ATOM   165 O  "O5'" . DG  A 1 9 ? 15.231  -0.532  -3.793  1.00 15.25 ? 9  DG  A "O5'" 1 
ATOM   166 C  "C5'" . DG  A 1 9 ? 14.802  0.824   -3.752  1.00 15.19 ? 9  DG  A "C5'" 1 
ATOM   167 C  "C4'" . DG  A 1 9 ? 15.797  1.635   -2.973  1.00 11.87 ? 9  DG  A "C4'" 1 
ATOM   168 O  "O4'" . DG  A 1 9 ? 15.915  0.907   -1.744  1.00 9.67  ? 9  DG  A "O4'" 1 
ATOM   169 C  "C3'" . DG  A 1 9 ? 17.190  1.661   -3.611  1.00 12.82 ? 9  DG  A "C3'" 1 
ATOM   170 O  "O3'" . DG  A 1 9 ? 17.827  2.931   -3.873  1.00 15.25 ? 9  DG  A "O3'" 1 
ATOM   171 C  "C2'" . DG  A 1 9 ? 18.023  0.700   -2.787  1.00 10.16 ? 9  DG  A "C2'" 1 
ATOM   172 C  "C1'" . DG  A 1 9 ? 17.216  0.404   -1.547  1.00 9.37  ? 9  DG  A "C1'" 1 
ATOM   173 N  N9    . DG  A 1 9 ? 17.068  -1.000  -1.319  1.00 9.63  ? 9  DG  A N9    1 
ATOM   174 C  C8    . DG  A 1 9 ? 17.681  -2.011  -1.996  1.00 8.32  ? 9  DG  A C8    1 
ATOM   175 N  N7    . DG  A 1 9 ? 17.335  -3.191  -1.560  1.00 10.19 ? 9  DG  A N7    1 
ATOM   176 C  C5    . DG  A 1 9 ? 16.443  -2.938  -0.522  1.00 9.01  ? 9  DG  A C5    1 
ATOM   177 C  C6    . DG  A 1 9 ? 15.683  -3.838  0.305   1.00 12.59 ? 9  DG  A C6    1 
ATOM   178 O  O6    . DG  A 1 9 ? 15.699  -5.110  0.328   1.00 11.97 ? 9  DG  A O6    1 
ATOM   179 N  N1    . DG  A 1 9 ? 14.840  -3.136  1.163   1.00 11.27 ? 9  DG  A N1    1 
ATOM   180 C  C2    . DG  A 1 9 ? 14.748  -1.771  1.217   1.00 10.40 ? 9  DG  A C2    1 
ATOM   181 N  N2    . DG  A 1 9 ? 13.914  -1.269  2.118   1.00 11.71 ? 9  DG  A N2    1 
ATOM   182 N  N3    . DG  A 1 9 ? 15.426  -0.950  0.452   1.00 9.04  ? 9  DG  A N3    1 
ATOM   183 C  C4    . DG  A 1 9 ? 16.255  -1.593  -0.377  1.00 8.73  ? 9  DG  A C4    1 
HETATM 184 MG MG    . MG  B 2 . ? 13.357  -1.083  -8.175  0.50 20.30 ? 10 MG  A MG    1 
HETATM 185 O  O     . HOH C 3 . ? -18.148 -2.128  -6.441  1.00 27.10 ? 11 HOH A O     1 
HETATM 186 O  O     . HOH C 3 . ? -15.490 3.770   -10.110 1.00 14.21 ? 12 HOH A O     1 
HETATM 187 O  O     . HOH C 3 . ? -14.109 6.957   -6.855  0.50 75.80 ? 13 HOH A O     1 
HETATM 188 O  O     . HOH C 3 . ? -9.529  -5.757  -7.803  1.00 28.76 ? 14 HOH A O     1 
HETATM 189 O  O     . HOH C 3 . ? -14.514 6.909   -3.581  1.00 80.41 ? 15 HOH A O     1 
HETATM 190 O  O     . HOH C 3 . ? -6.459  -0.630  -5.204  1.00 18.47 ? 16 HOH A O     1 
HETATM 191 O  O     . HOH C 3 . ? -9.878  8.688   4.106   1.00 77.06 ? 17 HOH A O     1 
HETATM 192 O  O     . HOH C 3 . ? -4.761  2.633   -4.725  1.00 5.82  ? 18 HOH A O     1 
HETATM 193 O  O     . HOH C 3 . ? -0.814  5.118   3.006   1.00 33.01 ? 19 HOH A O     1 
HETATM 194 O  O     . HOH C 3 . ? 2.776   -1.330  10.565  1.00 43.49 ? 20 HOH A O     1 
HETATM 195 O  O     . HOH C 3 . ? 6.375   -3.279  -1.857  1.00 24.42 ? 21 HOH A O     1 
HETATM 196 O  O     . HOH C 3 . ? 13.579  -6.962  3.388   1.00 32.92 ? 22 HOH A O     1 
HETATM 197 O  O     . HOH C 3 . ? -21.716 6.015   -4.099  1.00 37.06 ? 23 HOH A O     1 
HETATM 198 O  O     . HOH C 3 . ? 1.652   -3.683  13.402  1.00 58.58 ? 24 HOH A O     1 
HETATM 199 O  O     . HOH C 3 . ? 17.131  0.274   -7.657  1.00 26.74 ? 25 HOH A O     1 
HETATM 200 O  O     . HOH C 3 . ? 15.795  -5.067  -4.902  1.00 21.38 ? 26 HOH A O     1 
HETATM 201 O  O     . HOH C 3 . ? 17.258  3.084   -7.159  1.00 42.65 ? 27 HOH A O     1 
HETATM 202 O  O     . HOH C 3 . ? -4.093  7.282   -5.158  0.50 82.68 ? 28 HOH A O     1 
HETATM 203 O  O     . HOH C 3 . ? -3.709  8.873   0.870   1.00 44.56 ? 29 HOH A O     1 
HETATM 204 O  O     . HOH C 3 . ? 17.932  -6.941  0.643   1.00 28.18 ? 30 HOH A O     1 
HETATM 205 O  O     . HOH C 3 . ? 19.155  -4.073  -4.157  1.00 31.97 ? 31 HOH A O     1 
HETATM 206 O  O     . HOH C 3 . ? -3.403  8.667   3.840   1.00 38.42 ? 32 HOH A O     1 
HETATM 207 O  O     . HOH C 3 . ? -10.670 15.782  4.797   1.00 70.09 ? 33 HOH A O     1 
HETATM 208 O  O     . HOH C 3 . ? -9.597  11.733  -4.151  1.00 61.20 ? 34 HOH A O     1 
HETATM 209 O  O     . HOH C 3 . ? 3.998   -7.228  9.363   1.00 58.52 ? 35 HOH A O     1 
HETATM 210 O  O     . HOH C 3 . ? 2.780   -12.473 6.780   0.25 72.26 ? 36 HOH A O     1 
HETATM 211 O  O     . HOH C 3 . ? -0.994  -6.630  6.844   1.00 67.58 ? 37 HOH A O     1 
HETATM 212 O  O     . HOH C 3 . ? 11.770  -2.366  -7.509  1.00 19.34 ? 38 HOH A O     1 
HETATM 213 O  O     . HOH C 3 . ? 14.538  -2.908  -8.067  1.00 21.09 ? 39 HOH A O     1 
# 
